data_3TZN
#
_entry.id   3TZN
#
_cell.length_a   71.429
_cell.length_b   49.936
_cell.length_c   75.512
_cell.angle_alpha   90.000
_cell.angle_beta   90.240
_cell.angle_gamma   90.000
#
_symmetry.space_group_name_H-M   'P 1 21 1'
#
loop_
_entity.id
_entity.type
_entity.pdbx_description
1 polymer '7,8-dihydropteroate synthase'
2 water water
#
_entity_poly.entity_id   1
_entity_poly.type   'polypeptide(L)'
_entity_poly.pdbx_seq_one_letter_code
;GSHMHLTARGLTLDLSRPQVMGILNVTPDSFSDGGCHNNLDQALQHAQRMLSAGATLIDIGGESTRPGAAEVSEQEELDR
VVPVVEALAQRFDVWLSVDTSKAAVITESAHAGAHLINDIRSLQEPGALEAAAKTGLPVCLMHMQGQPKNMQHSPYYDDL
MTDINRFFQHHIERCVAAGIAKNKLLLDPGFGFGKNLAHNYQLLAHLSELHHFELPLLVGMSRKSMVGQLLNVPPQQRVI
GSVACAVIAAMQGAQIIRVHDVKETVEAMCIVEATRSAKG
;
_entity_poly.pdbx_strand_id   A,B
#
# COMPACT_ATOMS: atom_id res chain seq x y z
N SER A 2 11.55 -16.51 -4.07
CA SER A 2 10.91 -17.83 -4.36
C SER A 2 11.27 -18.32 -5.76
N HIS A 3 10.98 -19.59 -6.00
CA HIS A 3 10.96 -20.21 -7.34
C HIS A 3 9.49 -20.42 -7.77
N MET A 4 8.58 -19.80 -7.01
CA MET A 4 7.17 -19.81 -7.35
C MET A 4 6.97 -19.25 -8.73
N HIS A 5 6.15 -19.96 -9.51
CA HIS A 5 5.94 -19.62 -10.91
C HIS A 5 4.66 -20.33 -11.33
N LEU A 6 4.09 -19.89 -12.43
CA LEU A 6 3.08 -20.67 -13.12
C LEU A 6 3.50 -21.06 -14.54
N THR A 7 2.88 -22.11 -15.07
CA THR A 7 3.16 -22.54 -16.43
C THR A 7 1.89 -22.55 -17.26
N ALA A 8 1.93 -21.96 -18.44
CA ALA A 8 0.79 -22.11 -19.35
C ALA A 8 1.24 -21.84 -20.77
N ARG A 9 0.69 -22.62 -21.71
CA ARG A 9 0.87 -22.42 -23.16
C ARG A 9 2.36 -22.37 -23.48
N GLY A 10 3.12 -23.24 -22.82
CA GLY A 10 4.56 -23.32 -23.03
C GLY A 10 5.35 -22.19 -22.42
N LEU A 11 4.70 -21.34 -21.65
CA LEU A 11 5.36 -20.17 -21.06
C LEU A 11 5.47 -20.26 -19.53
N THR A 12 6.45 -19.58 -18.98
CA THR A 12 6.59 -19.45 -17.54
C THR A 12 6.20 -18.05 -17.03
N LEU A 13 5.39 -18.00 -15.97
CA LEU A 13 5.14 -16.73 -15.26
C LEU A 13 5.93 -16.75 -13.98
N ASP A 14 6.88 -15.85 -13.86
CA ASP A 14 7.72 -15.77 -12.68
C ASP A 14 7.08 -15.00 -11.51
N LEU A 15 6.87 -15.69 -10.40
CA LEU A 15 6.15 -15.12 -9.27
C LEU A 15 7.11 -14.88 -8.15
N SER A 16 8.39 -14.76 -8.50
CA SER A 16 9.42 -14.41 -7.53
C SER A 16 9.27 -13.02 -6.96
N ARG A 17 8.63 -12.14 -7.74
CA ARG A 17 8.33 -10.75 -7.32
C ARG A 17 6.89 -10.40 -7.71
N PRO A 18 6.26 -9.44 -7.00
CA PRO A 18 4.80 -9.25 -7.22
C PRO A 18 4.50 -8.84 -8.62
N GLN A 19 3.58 -9.55 -9.25
CA GLN A 19 3.13 -9.24 -10.61
C GLN A 19 1.74 -8.45 -10.56
N VAL A 20 1.61 -7.38 -11.35
CA VAL A 20 0.36 -6.65 -11.48
C VAL A 20 -0.48 -7.23 -12.61
N MET A 21 -1.73 -7.59 -12.26
CA MET A 21 -2.73 -7.97 -13.23
C MET A 21 -3.69 -6.80 -13.57
N GLY A 22 -3.83 -6.40 -14.84
CA GLY A 22 -4.73 -5.32 -15.19
C GLY A 22 -6.15 -5.83 -15.42
N ILE A 23 -7.15 -5.00 -15.10
CA ILE A 23 -8.53 -5.43 -15.26
C ILE A 23 -9.05 -4.90 -16.59
N LEU A 24 -9.58 -5.78 -17.41
CA LEU A 24 -10.19 -5.38 -18.65
C LEU A 24 -11.69 -5.78 -18.64
N ASN A 25 -12.59 -4.79 -18.69
CA ASN A 25 -14.01 -5.13 -18.98
C ASN A 25 -14.67 -4.63 -20.27
N ASN A 39 -16.11 -0.76 -29.50
CA ASN A 39 -15.77 -1.20 -28.14
C ASN A 39 -14.64 -2.19 -28.15
N LEU A 40 -14.62 -3.06 -29.15
CA LEU A 40 -13.54 -4.01 -29.27
C LEU A 40 -12.20 -3.26 -29.31
N ASP A 41 -12.12 -2.22 -30.14
CA ASP A 41 -10.87 -1.44 -30.27
C ASP A 41 -10.45 -0.60 -29.05
N GLN A 42 -11.44 -0.18 -28.27
CA GLN A 42 -11.23 0.55 -27.01
C GLN A 42 -10.57 -0.36 -25.97
N ALA A 43 -11.11 -1.57 -25.86
CA ALA A 43 -10.52 -2.66 -25.07
C ALA A 43 -9.03 -2.90 -25.40
N LEU A 44 -8.71 -3.03 -26.70
CA LEU A 44 -7.34 -3.32 -27.13
C LEU A 44 -6.42 -2.12 -26.86
N GLN A 45 -6.94 -0.91 -26.97
CA GLN A 45 -6.18 0.29 -26.59
C GLN A 45 -5.94 0.36 -25.07
N HIS A 46 -6.96 0.04 -24.30
CA HIS A 46 -6.85 -0.04 -22.84
C HIS A 46 -5.82 -1.14 -22.45
N ALA A 47 -5.88 -2.27 -23.11
CA ALA A 47 -4.98 -3.39 -22.79
C ALA A 47 -3.54 -2.94 -23.05
N GLN A 48 -3.36 -2.25 -24.19
CA GLN A 48 -1.99 -1.85 -24.55
C GLN A 48 -1.49 -0.87 -23.49
N ARG A 49 -2.35 0.03 -23.05
CA ARG A 49 -1.99 0.99 -22.01
C ARG A 49 -1.60 0.29 -20.69
N MET A 50 -2.37 -0.71 -20.33
CA MET A 50 -2.04 -1.48 -19.11
C MET A 50 -0.73 -2.20 -19.29
N LEU A 51 -0.51 -2.78 -20.47
CA LEU A 51 0.83 -3.37 -20.68
C LEU A 51 1.97 -2.40 -20.62
N SER A 52 1.80 -1.26 -21.28
CA SER A 52 2.91 -0.29 -21.26
C SER A 52 3.16 0.15 -19.83
N ALA A 53 2.09 0.24 -19.03
CA ALA A 53 2.17 0.61 -17.61
C ALA A 53 2.87 -0.47 -16.81
N GLY A 54 2.98 -1.68 -17.34
CA GLY A 54 3.80 -2.68 -16.69
C GLY A 54 3.02 -3.88 -16.09
N ALA A 55 1.73 -4.06 -16.45
CA ALA A 55 1.00 -5.25 -16.08
C ALA A 55 1.58 -6.46 -16.83
N THR A 56 1.56 -7.64 -16.19
CA THR A 56 2.10 -8.84 -16.84
C THR A 56 0.99 -9.84 -17.06
N LEU A 57 -0.21 -9.43 -16.70
CA LEU A 57 -1.41 -10.19 -16.85
C LEU A 57 -2.57 -9.29 -17.10
N ILE A 58 -3.52 -9.77 -17.89
CA ILE A 58 -4.69 -8.99 -18.17
C ILE A 58 -5.83 -9.90 -17.86
N ASP A 59 -6.75 -9.43 -17.03
CA ASP A 59 -7.94 -10.26 -16.59
C ASP A 59 -9.16 -9.79 -17.35
N ILE A 60 -9.77 -10.69 -18.11
CA ILE A 60 -10.92 -10.38 -18.94
C ILE A 60 -12.19 -10.93 -18.33
N GLY A 61 -13.13 -10.02 -18.09
CA GLY A 61 -14.34 -10.38 -17.37
C GLY A 61 -15.58 -10.10 -18.17
N GLY A 62 -16.61 -10.96 -18.01
CA GLY A 62 -17.85 -10.79 -18.74
C GLY A 62 -19.02 -10.44 -17.85
N GLU A 77 -21.97 -14.67 -22.24
CA GLU A 77 -20.57 -14.58 -21.83
C GLU A 77 -19.62 -14.91 -22.96
N LEU A 78 -19.87 -16.02 -23.66
CA LEU A 78 -18.96 -16.51 -24.70
C LEU A 78 -18.73 -15.49 -25.80
N ASP A 79 -19.79 -14.81 -26.24
CA ASP A 79 -19.65 -13.85 -27.35
C ASP A 79 -19.08 -12.50 -26.90
N ARG A 80 -19.22 -12.17 -25.63
CA ARG A 80 -18.53 -11.00 -25.09
C ARG A 80 -17.06 -11.29 -24.78
N VAL A 81 -16.80 -12.44 -24.15
CA VAL A 81 -15.48 -12.76 -23.63
C VAL A 81 -14.48 -13.33 -24.66
N VAL A 82 -14.86 -14.46 -25.28
CA VAL A 82 -14.04 -15.21 -26.28
C VAL A 82 -13.38 -14.39 -27.39
N PRO A 83 -14.13 -13.47 -28.06
CA PRO A 83 -13.46 -12.65 -29.12
C PRO A 83 -12.33 -11.74 -28.60
N VAL A 84 -12.53 -11.07 -27.46
CA VAL A 84 -11.46 -10.26 -26.83
C VAL A 84 -10.23 -11.09 -26.41
N VAL A 85 -10.46 -12.31 -25.92
CA VAL A 85 -9.35 -13.30 -25.73
C VAL A 85 -8.61 -13.57 -27.05
N GLU A 86 -9.36 -13.99 -28.09
CA GLU A 86 -8.82 -14.17 -29.45
C GLU A 86 -8.05 -12.94 -29.95
N ALA A 87 -8.71 -11.79 -29.87
CA ALA A 87 -8.04 -10.51 -30.24
C ALA A 87 -6.76 -10.24 -29.43
N LEU A 88 -6.86 -10.37 -28.10
CA LEU A 88 -5.68 -10.14 -27.27
C LEU A 88 -4.55 -11.11 -27.59
N ALA A 89 -4.91 -12.37 -27.82
CA ALA A 89 -3.96 -13.46 -28.04
C ALA A 89 -3.18 -13.20 -29.34
N GLN A 90 -3.90 -12.78 -30.36
CA GLN A 90 -3.26 -12.44 -31.67
C GLN A 90 -2.16 -11.36 -31.58
N ARG A 91 -2.46 -10.32 -30.78
CA ARG A 91 -1.67 -9.12 -30.74
C ARG A 91 -0.67 -9.00 -29.58
N PHE A 92 -0.96 -9.59 -28.41
CA PHE A 92 -0.02 -9.36 -27.31
C PHE A 92 0.72 -10.55 -26.76
N ASP A 93 1.92 -10.26 -26.26
CA ASP A 93 2.64 -11.17 -25.43
C ASP A 93 2.34 -10.73 -23.98
N VAL A 94 1.34 -11.37 -23.41
CA VAL A 94 1.10 -11.21 -22.03
C VAL A 94 0.12 -12.27 -21.56
N TRP A 95 0.24 -12.67 -20.32
CA TRP A 95 -0.72 -13.68 -19.84
C TRP A 95 -2.14 -13.17 -19.85
N LEU A 96 -3.06 -13.99 -20.34
CA LEU A 96 -4.48 -13.72 -20.35
C LEU A 96 -5.22 -14.56 -19.35
N SER A 97 -6.01 -13.87 -18.53
CA SER A 97 -6.77 -14.53 -17.51
C SER A 97 -8.23 -14.28 -17.82
N VAL A 98 -9.02 -15.32 -17.71
CA VAL A 98 -10.44 -15.16 -17.99
C VAL A 98 -11.26 -15.48 -16.73
N ASP A 99 -12.09 -14.54 -16.30
CA ASP A 99 -12.88 -14.89 -15.12
C ASP A 99 -14.24 -15.41 -15.56
N THR A 100 -14.46 -16.69 -15.34
CA THR A 100 -15.72 -17.33 -15.72
C THR A 100 -15.97 -18.47 -14.76
N SER A 101 -17.24 -18.91 -14.72
CA SER A 101 -17.65 -20.10 -14.00
C SER A 101 -18.19 -21.18 -14.96
N LYS A 102 -18.45 -20.81 -16.21
CA LYS A 102 -19.11 -21.67 -17.20
C LYS A 102 -18.16 -22.60 -17.93
N ALA A 103 -18.51 -23.89 -17.88
CA ALA A 103 -17.66 -24.94 -18.44
C ALA A 103 -17.33 -24.62 -19.87
N ALA A 104 -18.33 -24.08 -20.58
CA ALA A 104 -18.19 -23.74 -21.99
C ALA A 104 -17.14 -22.68 -22.18
N VAL A 105 -17.20 -21.64 -21.34
CA VAL A 105 -16.31 -20.50 -21.46
C VAL A 105 -14.89 -20.89 -21.13
N ILE A 106 -14.69 -21.67 -20.08
CA ILE A 106 -13.38 -22.24 -19.73
C ILE A 106 -12.78 -22.94 -20.96
N THR A 107 -13.62 -23.70 -21.66
CA THR A 107 -13.14 -24.54 -22.75
C THR A 107 -12.74 -23.69 -23.94
N GLU A 108 -13.68 -22.84 -24.38
CA GLU A 108 -13.45 -21.99 -25.52
C GLU A 108 -12.31 -21.01 -25.33
N SER A 109 -12.20 -20.48 -24.12
CA SER A 109 -11.19 -19.48 -23.83
C SER A 109 -9.80 -20.11 -23.92
N ALA A 110 -9.73 -21.40 -23.63
CA ALA A 110 -8.47 -22.12 -23.73
C ALA A 110 -8.07 -22.20 -25.19
N HIS A 111 -9.05 -22.55 -26.04
CA HIS A 111 -8.80 -22.69 -27.49
CA HIS A 111 -8.85 -22.69 -27.49
C HIS A 111 -8.32 -21.38 -28.06
N ALA A 112 -8.85 -20.29 -27.50
CA ALA A 112 -8.55 -18.92 -27.95
C ALA A 112 -7.20 -18.37 -27.50
N GLY A 113 -6.55 -19.03 -26.54
CA GLY A 113 -5.25 -18.57 -26.07
C GLY A 113 -5.18 -18.03 -24.63
N ALA A 114 -6.20 -18.24 -23.81
CA ALA A 114 -6.13 -17.84 -22.35
C ALA A 114 -5.09 -18.70 -21.62
N HIS A 115 -4.41 -18.09 -20.63
CA HIS A 115 -3.40 -18.78 -19.86
C HIS A 115 -3.90 -19.25 -18.50
N LEU A 116 -4.95 -18.62 -17.98
CA LEU A 116 -5.31 -18.76 -16.58
C LEU A 116 -6.82 -18.64 -16.44
N ILE A 117 -7.40 -19.48 -15.59
CA ILE A 117 -8.85 -19.47 -15.42
C ILE A 117 -9.10 -18.96 -14.00
N ASN A 118 -9.84 -17.86 -13.87
CA ASN A 118 -10.13 -17.27 -12.58
C ASN A 118 -11.60 -17.46 -12.28
N ASP A 119 -11.93 -18.31 -11.32
CA ASP A 119 -13.36 -18.57 -11.06
C ASP A 119 -13.73 -18.18 -9.66
N ILE A 120 -14.66 -17.23 -9.58
CA ILE A 120 -15.29 -16.84 -8.31
C ILE A 120 -15.99 -17.99 -7.59
N ARG A 121 -16.53 -18.93 -8.38
CA ARG A 121 -17.27 -20.11 -7.88
C ARG A 121 -16.40 -21.35 -7.75
N SER A 122 -15.08 -21.18 -7.82
CA SER A 122 -14.12 -22.29 -7.63
C SER A 122 -14.42 -23.60 -8.35
N LEU A 123 -14.88 -23.51 -9.59
CA LEU A 123 -15.19 -24.69 -10.38
C LEU A 123 -16.32 -25.58 -9.79
N GLN A 124 -17.40 -24.97 -9.27
CA GLN A 124 -18.46 -25.77 -8.61
C GLN A 124 -19.67 -25.92 -9.48
N GLU A 125 -19.65 -25.19 -10.58
CA GLU A 125 -20.69 -25.28 -11.59
C GLU A 125 -20.57 -26.62 -12.29
N PRO A 126 -21.70 -27.13 -12.80
CA PRO A 126 -21.70 -28.43 -13.46
C PRO A 126 -20.73 -28.43 -14.64
N GLY A 127 -19.97 -29.50 -14.78
CA GLY A 127 -18.88 -29.59 -15.76
C GLY A 127 -17.65 -28.68 -15.61
N ALA A 128 -17.67 -27.68 -14.71
CA ALA A 128 -16.55 -26.70 -14.62
C ALA A 128 -15.20 -27.32 -14.22
N LEU A 129 -15.22 -28.22 -13.23
CA LEU A 129 -13.99 -28.82 -12.79
C LEU A 129 -13.41 -29.71 -13.89
N GLU A 130 -14.27 -30.40 -14.62
CA GLU A 130 -13.84 -31.35 -15.66
C GLU A 130 -13.23 -30.58 -16.83
N ALA A 131 -13.98 -29.60 -17.34
CA ALA A 131 -13.51 -28.73 -18.43
C ALA A 131 -12.15 -28.05 -18.13
N ALA A 132 -12.01 -27.50 -16.91
CA ALA A 132 -10.71 -26.96 -16.42
C ALA A 132 -9.54 -27.96 -16.39
N ALA A 133 -9.79 -29.16 -15.87
CA ALA A 133 -8.80 -30.21 -15.83
C ALA A 133 -8.26 -30.50 -17.25
N LYS A 134 -9.20 -30.63 -18.20
CA LYS A 134 -8.91 -30.96 -19.59
C LYS A 134 -7.98 -29.95 -20.23
N THR A 135 -8.25 -28.65 -20.00
CA THR A 135 -7.44 -27.58 -20.57
C THR A 135 -5.99 -27.68 -20.13
N GLY A 136 -5.74 -28.28 -18.96
CA GLY A 136 -4.39 -28.21 -18.35
C GLY A 136 -3.93 -26.82 -17.86
N LEU A 137 -4.79 -25.81 -17.98
CA LEU A 137 -4.45 -24.44 -17.53
C LEU A 137 -4.39 -24.25 -16.00
N PRO A 138 -3.59 -23.29 -15.52
CA PRO A 138 -3.65 -22.92 -14.09
C PRO A 138 -5.05 -22.43 -13.74
N VAL A 139 -5.49 -22.66 -12.50
CA VAL A 139 -6.86 -22.34 -12.04
C VAL A 139 -6.72 -21.55 -10.73
N CYS A 140 -7.37 -20.41 -10.68
CA CYS A 140 -7.46 -19.63 -9.43
C CYS A 140 -8.75 -19.95 -8.73
N LEU A 141 -8.63 -20.43 -7.49
CA LEU A 141 -9.78 -20.69 -6.62
C LEU A 141 -10.04 -19.47 -5.71
N MET A 142 -11.28 -19.09 -5.49
CA MET A 142 -11.53 -17.90 -4.70
C MET A 142 -12.47 -18.21 -3.57
N HIS A 143 -12.14 -17.77 -2.36
CA HIS A 143 -12.99 -17.99 -1.18
C HIS A 143 -14.14 -16.97 -1.29
N MET A 144 -15.35 -17.39 -0.92
CA MET A 144 -16.49 -16.53 -0.85
C MET A 144 -17.49 -17.19 0.14
N GLN A 145 -18.39 -16.40 0.69
CA GLN A 145 -19.49 -16.95 1.56
C GLN A 145 -20.76 -16.44 0.92
N HIS A 153 -27.98 -10.85 3.17
CA HIS A 153 -27.30 -11.59 4.24
C HIS A 153 -26.01 -10.94 4.71
N SER A 154 -25.93 -10.60 5.98
CA SER A 154 -24.73 -10.00 6.56
C SER A 154 -23.67 -11.05 6.81
N PRO A 155 -22.42 -10.75 6.41
CA PRO A 155 -21.46 -11.81 6.50
C PRO A 155 -21.02 -12.07 7.96
N TYR A 156 -20.72 -13.33 8.28
CA TYR A 156 -20.32 -13.61 9.65
C TYR A 156 -19.38 -14.81 9.66
N TYR A 157 -18.39 -14.80 10.53
CA TYR A 157 -17.47 -15.91 10.63
C TYR A 157 -17.21 -16.05 12.10
N ASP A 158 -17.19 -17.30 12.59
CA ASP A 158 -16.67 -17.61 13.91
C ASP A 158 -15.21 -17.21 13.95
N ASP A 159 -14.48 -17.58 12.88
CA ASP A 159 -13.05 -17.17 12.74
C ASP A 159 -12.78 -17.16 11.24
N LEU A 160 -12.57 -15.96 10.72
CA LEU A 160 -12.42 -15.82 9.30
C LEU A 160 -11.26 -16.67 8.72
N MET A 161 -10.07 -16.62 9.29
CA MET A 161 -8.87 -17.29 8.66
C MET A 161 -9.06 -18.83 8.68
N THR A 162 -9.63 -19.35 9.79
CA THR A 162 -9.96 -20.78 9.91
C THR A 162 -10.93 -21.20 8.80
N ASP A 163 -11.92 -20.39 8.52
CA ASP A 163 -12.88 -20.74 7.49
C ASP A 163 -12.28 -20.69 6.12
N ILE A 164 -11.44 -19.67 5.88
CA ILE A 164 -10.76 -19.60 4.59
C ILE A 164 -9.85 -20.80 4.33
N ASN A 165 -9.07 -21.16 5.32
CA ASN A 165 -8.24 -22.33 5.20
C ASN A 165 -8.95 -23.64 4.95
N ARG A 166 -10.11 -23.76 5.58
CA ARG A 166 -10.85 -25.00 5.50
C ARG A 166 -11.44 -25.02 4.11
N PHE A 167 -11.87 -23.88 3.67
CA PHE A 167 -12.43 -23.80 2.33
C PHE A 167 -11.38 -24.16 1.26
N PHE A 168 -10.16 -23.68 1.43
CA PHE A 168 -9.16 -23.93 0.41
C PHE A 168 -8.64 -25.39 0.49
N GLN A 169 -8.42 -25.89 1.69
CA GLN A 169 -7.98 -27.30 1.85
C GLN A 169 -8.94 -28.24 1.11
N HIS A 170 -10.24 -28.07 1.37
CA HIS A 170 -11.29 -28.77 0.67
C HIS A 170 -11.28 -28.65 -0.86
N HIS A 171 -11.14 -27.43 -1.38
CA HIS A 171 -11.26 -27.29 -2.81
C HIS A 171 -9.97 -27.65 -3.57
N ILE A 172 -8.84 -27.46 -2.94
CA ILE A 172 -7.58 -27.93 -3.51
C ILE A 172 -7.64 -29.50 -3.63
N GLU A 173 -8.28 -30.19 -2.64
CA GLU A 173 -8.35 -31.65 -2.68
C GLU A 173 -9.23 -32.02 -3.83
N ARG A 174 -10.37 -31.34 -3.96
CA ARG A 174 -11.30 -31.54 -5.05
C ARG A 174 -10.68 -31.34 -6.44
N CYS A 175 -9.88 -30.29 -6.62
CA CYS A 175 -9.10 -30.12 -7.87
C CYS A 175 -8.11 -31.26 -8.14
N VAL A 176 -7.31 -31.59 -7.14
CA VAL A 176 -6.35 -32.68 -7.32
C VAL A 176 -7.00 -34.02 -7.68
N ALA A 177 -8.10 -34.35 -6.99
CA ALA A 177 -8.89 -35.56 -7.27
C ALA A 177 -9.35 -35.56 -8.72
N ALA A 178 -9.64 -34.37 -9.27
CA ALA A 178 -10.08 -34.20 -10.67
C ALA A 178 -8.95 -34.29 -11.71
N GLY A 179 -7.72 -34.44 -11.23
CA GLY A 179 -6.61 -34.52 -12.12
C GLY A 179 -5.80 -33.24 -12.22
N ILE A 180 -6.34 -32.11 -11.74
CA ILE A 180 -5.58 -30.83 -11.73
C ILE A 180 -4.53 -30.86 -10.62
N ALA A 181 -3.29 -31.01 -11.04
CA ALA A 181 -2.13 -30.91 -10.19
C ALA A 181 -2.08 -29.69 -9.24
N LYS A 182 -1.56 -29.92 -8.04
CA LYS A 182 -1.50 -28.89 -7.03
C LYS A 182 -0.71 -27.71 -7.52
N ASN A 183 0.32 -27.98 -8.34
CA ASN A 183 1.12 -26.91 -8.94
C ASN A 183 0.41 -26.00 -9.94
N LYS A 184 -0.79 -26.38 -10.40
CA LYS A 184 -1.60 -25.53 -11.28
C LYS A 184 -2.48 -24.48 -10.48
N LEU A 185 -2.52 -24.59 -9.19
CA LEU A 185 -3.54 -23.81 -8.40
C LEU A 185 -3.06 -22.50 -7.92
N LEU A 186 -3.94 -21.51 -7.94
CA LEU A 186 -3.69 -20.25 -7.24
C LEU A 186 -4.85 -19.99 -6.24
N LEU A 187 -4.56 -19.31 -5.14
CA LEU A 187 -5.63 -19.01 -4.17
C LEU A 187 -5.93 -17.53 -4.13
N ASP A 188 -7.18 -17.18 -4.24
CA ASP A 188 -7.60 -15.79 -4.02
C ASP A 188 -8.58 -15.76 -2.79
N PRO A 189 -8.19 -15.10 -1.67
CA PRO A 189 -8.93 -15.08 -0.41
C PRO A 189 -10.24 -14.24 -0.56
N GLY A 190 -10.49 -13.61 -1.74
CA GLY A 190 -11.77 -13.02 -2.10
C GLY A 190 -12.17 -11.83 -1.23
N PHE A 191 -11.35 -10.77 -1.29
CA PHE A 191 -11.70 -9.52 -0.63
C PHE A 191 -13.06 -9.02 -1.10
N GLY A 192 -13.92 -8.56 -0.18
CA GLY A 192 -15.24 -8.05 -0.65
C GLY A 192 -16.26 -9.18 -0.90
N PHE A 193 -15.82 -10.46 -0.91
CA PHE A 193 -16.82 -11.48 -1.27
C PHE A 193 -17.39 -12.18 -0.03
N GLY A 194 -18.53 -11.69 0.46
CA GLY A 194 -19.13 -12.28 1.68
C GLY A 194 -18.26 -11.87 2.83
N LYS A 195 -17.72 -10.67 2.78
CA LYS A 195 -16.89 -10.17 3.86
C LYS A 195 -17.21 -8.75 4.07
N ASN A 196 -17.41 -8.41 5.34
CA ASN A 196 -17.68 -7.00 5.72
C ASN A 196 -16.35 -6.23 5.81
N LEU A 197 -16.42 -4.97 6.16
CA LEU A 197 -15.24 -4.14 6.29
C LEU A 197 -14.25 -4.63 7.30
N ALA A 198 -14.74 -5.07 8.48
CA ALA A 198 -13.77 -5.52 9.52
C ALA A 198 -13.14 -6.85 9.00
N HIS A 199 -13.90 -7.69 8.29
CA HIS A 199 -13.36 -8.91 7.78
C HIS A 199 -12.25 -8.65 6.72
N ASN A 200 -12.46 -7.66 5.89
CA ASN A 200 -11.53 -7.47 4.74
C ASN A 200 -10.24 -7.03 5.29
N TYR A 201 -10.27 -6.12 6.24
CA TYR A 201 -9.01 -5.70 6.93
C TYR A 201 -8.35 -6.72 7.83
N GLN A 202 -9.16 -7.57 8.45
CA GLN A 202 -8.54 -8.67 9.18
C GLN A 202 -7.82 -9.64 8.22
N LEU A 203 -8.44 -9.95 7.10
CA LEU A 203 -7.86 -10.83 6.17
C LEU A 203 -6.58 -10.16 5.56
N LEU A 204 -6.62 -8.86 5.34
CA LEU A 204 -5.43 -8.16 4.81
C LEU A 204 -4.32 -8.18 5.87
N ALA A 205 -4.69 -7.93 7.14
CA ALA A 205 -3.64 -8.05 8.26
C ALA A 205 -3.04 -9.44 8.46
N HIS A 206 -3.80 -10.50 8.22
CA HIS A 206 -3.31 -11.88 8.45
C HIS A 206 -2.97 -12.62 7.15
N LEU A 207 -2.89 -11.90 6.04
CA LEU A 207 -2.83 -12.45 4.66
C LEU A 207 -1.61 -13.40 4.51
N SER A 208 -0.51 -13.13 5.21
CA SER A 208 0.70 -13.99 5.05
C SER A 208 0.42 -15.43 5.52
N GLU A 209 -0.62 -15.60 6.31
CA GLU A 209 -0.93 -16.95 6.86
C GLU A 209 -1.32 -17.93 5.75
N LEU A 210 -1.86 -17.45 4.64
CA LEU A 210 -2.25 -18.33 3.55
C LEU A 210 -1.06 -18.93 2.77
N HIS A 211 0.16 -18.51 3.08
CA HIS A 211 1.34 -19.11 2.39
C HIS A 211 1.57 -20.58 2.74
N HIS A 212 0.89 -21.11 3.77
CA HIS A 212 1.26 -22.46 4.28
C HIS A 212 0.85 -23.50 3.21
N PHE A 213 -0.08 -23.12 2.32
CA PHE A 213 -0.47 -24.01 1.25
C PHE A 213 0.63 -24.17 0.19
N GLU A 214 1.65 -23.28 0.18
CA GLU A 214 2.70 -23.29 -0.83
C GLU A 214 2.14 -23.08 -2.26
N LEU A 215 1.11 -22.20 -2.38
CA LEU A 215 0.57 -21.87 -3.68
C LEU A 215 0.58 -20.36 -3.78
N PRO A 216 0.63 -19.86 -5.03
CA PRO A 216 0.64 -18.37 -5.23
C PRO A 216 -0.70 -17.77 -4.76
N LEU A 217 -0.63 -16.59 -4.14
CA LEU A 217 -1.86 -15.84 -3.71
C LEU A 217 -2.14 -14.77 -4.71
N LEU A 218 -3.38 -14.71 -5.19
CA LEU A 218 -3.81 -13.59 -6.02
C LEU A 218 -4.80 -12.76 -5.17
N VAL A 219 -4.64 -11.44 -5.10
CA VAL A 219 -5.58 -10.59 -4.30
C VAL A 219 -6.08 -9.42 -5.14
N GLY A 220 -7.35 -9.03 -4.93
CA GLY A 220 -7.96 -7.96 -5.68
C GLY A 220 -8.71 -7.08 -4.71
N MET A 221 -8.19 -5.91 -4.47
CA MET A 221 -8.74 -4.90 -3.56
C MET A 221 -9.08 -3.59 -4.25
N SER A 222 -8.81 -3.54 -5.54
CA SER A 222 -8.84 -2.30 -6.28
C SER A 222 -10.21 -1.63 -6.38
N ARG A 223 -10.28 -0.42 -5.88
CA ARG A 223 -11.46 0.46 -5.90
C ARG A 223 -12.67 -0.17 -5.18
N LYS A 224 -12.39 -1.14 -4.31
CA LYS A 224 -13.48 -1.85 -3.63
C LYS A 224 -14.08 -1.02 -2.48
N SER A 225 -15.23 -1.50 -1.96
CA SER A 225 -15.92 -0.85 -0.84
C SER A 225 -15.05 -0.88 0.40
N MET A 226 -14.09 -1.83 0.51
CA MET A 226 -13.26 -1.83 1.68
C MET A 226 -12.39 -0.58 1.72
N VAL A 227 -12.12 0.00 0.52
CA VAL A 227 -11.43 1.25 0.49
C VAL A 227 -12.51 2.41 0.53
N GLY A 228 -13.53 2.26 -0.24
CA GLY A 228 -14.50 3.28 -0.36
C GLY A 228 -15.26 3.54 0.95
N GLN A 229 -15.56 2.49 1.71
CA GLN A 229 -16.30 2.69 3.01
C GLN A 229 -15.36 3.31 4.04
N LEU A 230 -14.06 3.17 3.88
CA LEU A 230 -13.13 3.89 4.82
C LEU A 230 -12.86 5.29 4.44
N LEU A 231 -12.93 5.60 3.14
CA LEU A 231 -12.55 6.93 2.69
C LEU A 231 -13.80 7.74 2.34
N ASN A 232 -14.93 7.07 2.13
CA ASN A 232 -16.13 7.78 1.64
C ASN A 232 -15.93 8.63 0.36
N VAL A 233 -15.35 8.01 -0.66
CA VAL A 233 -15.21 8.66 -1.93
C VAL A 233 -15.70 7.74 -3.06
N PRO A 234 -16.10 8.30 -4.17
CA PRO A 234 -16.47 7.57 -5.36
C PRO A 234 -15.21 6.67 -5.90
N PRO A 235 -15.48 5.67 -6.68
CA PRO A 235 -14.48 4.62 -7.10
C PRO A 235 -13.23 5.20 -7.82
N GLN A 236 -13.44 6.25 -8.64
CA GLN A 236 -12.32 6.84 -9.39
C GLN A 236 -11.45 7.67 -8.45
N GLN A 237 -11.93 7.90 -7.21
CA GLN A 237 -11.08 8.54 -6.20
C GLN A 237 -10.50 7.58 -5.19
N ARG A 238 -10.61 6.30 -5.47
CA ARG A 238 -10.03 5.30 -4.54
C ARG A 238 -8.61 4.79 -4.96
N VAL A 239 -7.95 5.50 -5.87
CA VAL A 239 -6.66 5.04 -6.42
C VAL A 239 -5.63 4.97 -5.30
N ILE A 240 -5.47 6.03 -4.53
CA ILE A 240 -4.48 6.01 -3.41
C ILE A 240 -4.76 4.90 -2.36
N GLY A 241 -6.02 4.78 -1.95
CA GLY A 241 -6.31 3.74 -0.96
C GLY A 241 -6.07 2.35 -1.50
N SER A 242 -6.42 2.09 -2.78
CA SER A 242 -6.22 0.82 -3.36
C SER A 242 -4.71 0.50 -3.42
N VAL A 243 -3.90 1.49 -3.75
CA VAL A 243 -2.46 1.27 -3.84
C VAL A 243 -1.88 0.99 -2.47
N ALA A 244 -2.39 1.64 -1.45
CA ALA A 244 -1.86 1.39 -0.12
C ALA A 244 -2.25 -0.06 0.29
N CYS A 245 -3.39 -0.58 -0.19
CA CYS A 245 -3.76 -2.00 0.13
C CYS A 245 -2.79 -2.88 -0.64
N ALA A 246 -2.55 -2.55 -1.90
CA ALA A 246 -1.60 -3.36 -2.70
C ALA A 246 -0.23 -3.40 -2.07
N VAL A 247 0.23 -2.31 -1.57
CA VAL A 247 1.55 -2.31 -0.89
C VAL A 247 1.54 -3.20 0.33
N ILE A 248 0.48 -3.09 1.17
CA ILE A 248 0.41 -3.98 2.33
C ILE A 248 0.42 -5.46 1.92
N ALA A 249 -0.35 -5.83 0.91
CA ALA A 249 -0.47 -7.22 0.54
C ALA A 249 0.88 -7.68 -0.01
N ALA A 250 1.55 -6.83 -0.82
CA ALA A 250 2.86 -7.22 -1.41
C ALA A 250 3.88 -7.36 -0.34
N MET A 251 3.81 -6.55 0.72
CA MET A 251 4.80 -6.68 1.84
C MET A 251 4.65 -8.01 2.54
N GLN A 252 3.47 -8.58 2.46
CA GLN A 252 3.24 -9.92 3.00
C GLN A 252 3.43 -11.04 1.98
N GLY A 253 4.03 -10.74 0.81
CA GLY A 253 4.34 -11.83 -0.14
C GLY A 253 3.27 -12.20 -1.14
N ALA A 254 2.17 -11.45 -1.27
CA ALA A 254 1.19 -11.81 -2.31
C ALA A 254 1.79 -11.72 -3.69
N GLN A 255 1.52 -12.69 -4.53
CA GLN A 255 2.31 -12.86 -5.77
C GLN A 255 1.69 -12.12 -6.89
N ILE A 256 0.34 -12.09 -6.91
CA ILE A 256 -0.31 -11.40 -8.00
C ILE A 256 -1.32 -10.36 -7.44
N ILE A 257 -1.28 -9.13 -7.94
CA ILE A 257 -2.19 -8.07 -7.47
C ILE A 257 -3.05 -7.67 -8.63
N ARG A 258 -4.37 -7.75 -8.48
CA ARG A 258 -5.29 -7.45 -9.57
C ARG A 258 -5.84 -6.04 -9.32
N VAL A 259 -5.67 -5.14 -10.28
CA VAL A 259 -6.00 -3.75 -10.05
C VAL A 259 -6.56 -3.06 -11.27
N HIS A 260 -7.30 -1.95 -11.06
CA HIS A 260 -7.70 -1.04 -12.17
C HIS A 260 -6.52 -0.09 -12.64
N ASP A 261 -5.74 0.39 -11.70
CA ASP A 261 -4.81 1.47 -11.94
C ASP A 261 -3.39 0.94 -12.00
N VAL A 262 -3.06 0.36 -13.16
CA VAL A 262 -1.82 -0.42 -13.25
C VAL A 262 -0.57 0.41 -13.00
N LYS A 263 -0.45 1.55 -13.63
CA LYS A 263 0.78 2.28 -13.58
C LYS A 263 1.09 2.72 -12.16
N GLU A 264 0.11 3.20 -11.39
CA GLU A 264 0.42 3.52 -10.02
C GLU A 264 0.79 2.30 -9.21
N THR A 265 0.14 1.17 -9.48
CA THR A 265 0.38 -0.03 -8.63
C THR A 265 1.77 -0.55 -8.99
N VAL A 266 2.12 -0.50 -10.26
CA VAL A 266 3.54 -0.89 -10.67
C VAL A 266 4.60 -0.06 -9.99
N GLU A 267 4.45 1.24 -9.96
CA GLU A 267 5.44 2.06 -9.26
C GLU A 267 5.53 1.75 -7.79
N ALA A 268 4.37 1.56 -7.14
CA ALA A 268 4.41 1.12 -5.75
C ALA A 268 5.12 -0.20 -5.56
N MET A 269 4.86 -1.13 -6.42
CA MET A 269 5.55 -2.44 -6.30
C MET A 269 7.11 -2.36 -6.46
N CYS A 270 7.59 -1.34 -7.21
CA CYS A 270 9.05 -1.11 -7.28
C CYS A 270 9.56 -0.65 -5.96
N ILE A 271 8.84 0.25 -5.27
CA ILE A 271 9.20 0.64 -3.92
C ILE A 271 9.23 -0.55 -2.92
N VAL A 272 8.21 -1.43 -3.02
CA VAL A 272 8.12 -2.64 -2.21
C VAL A 272 9.30 -3.61 -2.55
N GLU A 273 9.55 -3.83 -3.83
CA GLU A 273 10.66 -4.72 -4.21
C GLU A 273 12.02 -4.24 -3.71
N ALA A 274 12.27 -2.92 -3.77
CA ALA A 274 13.51 -2.33 -3.27
C ALA A 274 13.69 -2.43 -1.73
N THR A 275 12.61 -2.31 -0.96
CA THR A 275 12.67 -2.48 0.49
C THR A 275 12.96 -3.97 0.87
N ARG A 276 12.28 -4.88 0.20
CA ARG A 276 12.42 -6.31 0.43
C ARG A 276 13.75 -6.91 -0.08
N SER A 277 14.51 -6.12 -0.86
CA SER A 277 15.85 -6.47 -1.37
C SER A 277 16.91 -5.72 -0.59
N ALA A 278 16.46 -4.88 0.33
CA ALA A 278 17.37 -4.19 1.24
C ALA A 278 17.49 -5.04 2.51
N MET B 4 0.99 5.90 23.23
CA MET B 4 1.77 7.19 23.23
C MET B 4 1.00 8.43 22.77
N HIS B 5 1.37 9.55 23.38
CA HIS B 5 0.82 10.86 23.06
C HIS B 5 1.88 11.93 23.32
N LEU B 6 1.67 13.12 22.76
CA LEU B 6 2.51 14.26 23.09
C LEU B 6 1.61 15.34 23.62
N THR B 7 2.20 16.33 24.28
CA THR B 7 1.40 17.42 24.85
C THR B 7 2.12 18.77 24.76
N ALA B 8 1.38 19.79 24.32
CA ALA B 8 1.90 21.14 24.17
C ALA B 8 0.75 22.15 24.20
N ARG B 9 0.96 23.26 24.92
CA ARG B 9 0.02 24.38 24.92
C ARG B 9 -1.46 23.98 25.07
N GLY B 10 -1.71 23.03 25.99
CA GLY B 10 -3.07 22.57 26.32
C GLY B 10 -3.66 21.53 25.36
N LEU B 11 -2.85 21.12 24.39
CA LEU B 11 -3.26 20.20 23.32
C LEU B 11 -2.52 18.86 23.43
N THR B 12 -3.27 17.78 23.21
CA THR B 12 -2.69 16.46 23.24
C THR B 12 -2.60 15.85 21.82
N LEU B 13 -1.39 15.46 21.40
CA LEU B 13 -1.19 14.77 20.12
C LEU B 13 -1.10 13.26 20.33
N ASP B 14 -2.11 12.57 19.83
CA ASP B 14 -2.20 11.12 19.99
C ASP B 14 -1.42 10.34 18.92
N LEU B 15 -0.46 9.54 19.38
CA LEU B 15 0.44 8.80 18.48
C LEU B 15 0.13 7.32 18.43
N SER B 16 -1.09 6.97 18.77
CA SER B 16 -1.45 5.57 18.71
C SER B 16 -1.69 5.19 17.26
N ARG B 17 -2.01 6.20 16.43
CA ARG B 17 -2.30 6.05 15.00
C ARG B 17 -1.41 7.04 14.18
N PRO B 18 -1.00 6.67 12.94
CA PRO B 18 -0.08 7.58 12.19
C PRO B 18 -0.66 9.01 11.98
N GLN B 19 0.09 10.05 12.33
CA GLN B 19 -0.38 11.41 12.07
C GLN B 19 0.39 12.00 10.87
N VAL B 20 -0.32 12.80 10.10
CA VAL B 20 0.27 13.39 8.90
C VAL B 20 0.62 14.84 9.14
N MET B 21 1.93 15.13 9.01
CA MET B 21 2.50 16.46 9.23
C MET B 21 2.63 17.20 7.89
N GLY B 22 2.05 18.39 7.83
CA GLY B 22 2.11 19.23 6.62
C GLY B 22 3.39 20.04 6.54
N ILE B 23 3.99 20.06 5.34
CA ILE B 23 5.13 20.95 5.08
C ILE B 23 4.70 22.34 4.59
N LEU B 24 5.15 23.38 5.30
CA LEU B 24 4.82 24.76 4.93
C LEU B 24 6.02 25.66 5.10
N ASN B 25 7.00 25.46 4.23
CA ASN B 25 8.20 26.33 4.17
C ASN B 25 8.08 27.43 3.13
N ASN B 39 1.17 37.25 0.18
CA ASN B 39 2.01 36.06 0.41
C ASN B 39 1.74 35.41 1.77
N LEU B 40 1.39 36.23 2.77
CA LEU B 40 0.90 35.75 4.05
C LEU B 40 -0.40 35.01 3.82
N ASP B 41 -1.26 35.60 2.97
CA ASP B 41 -2.55 34.99 2.55
C ASP B 41 -2.37 33.60 1.91
N GLN B 42 -1.40 33.47 1.00
CA GLN B 42 -0.99 32.19 0.40
C GLN B 42 -0.72 31.06 1.44
N ALA B 43 0.17 31.31 2.40
CA ALA B 43 0.44 30.36 3.49
C ALA B 43 -0.83 29.93 4.25
N LEU B 44 -1.57 30.91 4.78
CA LEU B 44 -2.85 30.69 5.48
C LEU B 44 -3.86 29.87 4.66
N GLN B 45 -3.84 30.08 3.33
CA GLN B 45 -4.72 29.38 2.40
C GLN B 45 -4.22 27.97 2.10
N HIS B 46 -2.89 27.82 2.00
CA HIS B 46 -2.20 26.55 1.85
C HIS B 46 -2.43 25.68 3.10
N ALA B 47 -2.31 26.30 4.28
CA ALA B 47 -2.54 25.61 5.56
C ALA B 47 -3.97 25.14 5.71
N GLN B 48 -4.94 26.04 5.45
CA GLN B 48 -6.35 25.63 5.45
C GLN B 48 -6.54 24.40 4.53
N ARG B 49 -5.79 24.34 3.43
CA ARG B 49 -5.88 23.20 2.51
C ARG B 49 -5.42 21.92 3.20
N MET B 50 -4.23 21.98 3.79
CA MET B 50 -3.72 20.84 4.54
C MET B 50 -4.63 20.39 5.69
N LEU B 51 -5.17 21.34 6.45
CA LEU B 51 -6.04 20.97 7.56
C LEU B 51 -7.31 20.31 7.06
N SER B 52 -7.88 20.85 5.99
CA SER B 52 -9.04 20.20 5.37
C SER B 52 -8.64 18.83 4.80
N ALA B 53 -7.37 18.69 4.42
CA ALA B 53 -6.88 17.44 3.84
C ALA B 53 -6.75 16.40 4.93
N GLY B 54 -6.51 16.85 6.16
CA GLY B 54 -6.49 15.98 7.35
C GLY B 54 -5.15 15.94 8.05
N ALA B 55 -4.24 16.83 7.70
CA ALA B 55 -3.03 16.99 8.51
C ALA B 55 -3.33 17.41 9.96
N THR B 56 -2.54 16.92 10.92
CA THR B 56 -2.81 17.26 12.28
C THR B 56 -1.64 18.06 12.77
N LEU B 57 -0.63 18.20 11.91
CA LEU B 57 0.49 19.09 12.16
C LEU B 57 0.79 19.87 10.89
N ILE B 58 1.28 21.09 11.08
CA ILE B 58 1.82 21.88 10.02
C ILE B 58 3.19 22.32 10.42
N ASP B 59 4.18 21.88 9.64
CA ASP B 59 5.55 22.21 9.87
C ASP B 59 5.97 23.47 9.05
N ILE B 60 6.42 24.51 9.78
CA ILE B 60 6.76 25.81 9.17
C ILE B 60 8.27 26.05 9.06
N ARG B 80 9.35 36.72 8.80
CA ARG B 80 9.51 35.59 7.89
C ARG B 80 8.67 34.37 8.31
N VAL B 81 9.09 33.64 9.35
CA VAL B 81 8.34 32.45 9.80
C VAL B 81 7.31 32.77 10.91
N VAL B 82 7.71 33.64 11.83
CA VAL B 82 6.92 33.96 13.05
C VAL B 82 5.49 34.52 12.84
N PRO B 83 5.27 35.36 11.79
CA PRO B 83 3.91 35.90 11.61
C PRO B 83 2.97 34.82 11.07
N VAL B 84 3.56 33.74 10.55
CA VAL B 84 2.79 32.58 10.15
C VAL B 84 2.36 31.79 11.40
N VAL B 85 3.33 31.46 12.27
CA VAL B 85 3.03 30.85 13.57
C VAL B 85 1.93 31.64 14.28
N GLU B 86 2.03 32.98 14.27
CA GLU B 86 1.02 33.83 14.94
C GLU B 86 -0.37 33.79 14.29
N ALA B 87 -0.43 33.94 12.97
CA ALA B 87 -1.70 33.89 12.26
C ALA B 87 -2.31 32.50 12.49
N LEU B 88 -1.49 31.48 12.30
CA LEU B 88 -1.94 30.10 12.44
C LEU B 88 -2.40 29.80 13.85
N ALA B 89 -1.64 30.29 14.83
CA ALA B 89 -2.04 30.19 16.23
C ALA B 89 -3.47 30.70 16.40
N GLN B 90 -3.81 31.78 15.69
CA GLN B 90 -5.12 32.41 15.82
C GLN B 90 -6.19 31.69 15.02
N ARG B 91 -5.86 31.36 13.77
CA ARG B 91 -6.79 30.72 12.86
C ARG B 91 -7.19 29.32 13.34
N PHE B 92 -6.19 28.53 13.74
CA PHE B 92 -6.39 27.09 13.91
C PHE B 92 -5.79 26.51 15.19
N ASP B 93 -6.40 25.43 15.64
CA ASP B 93 -5.99 24.72 16.86
C ASP B 93 -5.00 23.60 16.57
N VAL B 94 -4.69 23.41 15.30
CA VAL B 94 -3.74 22.39 14.83
C VAL B 94 -2.34 22.57 15.44
N TRP B 95 -1.61 21.47 15.59
CA TRP B 95 -0.24 21.52 16.06
C TRP B 95 0.65 22.30 15.10
N LEU B 96 1.45 23.21 15.65
CA LEU B 96 2.41 24.00 14.85
C LEU B 96 3.86 23.61 15.14
N SER B 97 4.52 23.08 14.12
CA SER B 97 5.92 22.76 14.17
C SER B 97 6.67 23.81 13.38
N VAL B 98 7.97 23.96 13.68
CA VAL B 98 8.81 24.91 12.96
C VAL B 98 10.20 24.33 12.79
N ASP B 99 10.69 24.36 11.55
CA ASP B 99 12.04 23.88 11.27
C ASP B 99 13.09 24.99 11.30
N THR B 100 13.83 25.05 12.41
CA THR B 100 14.78 26.14 12.70
C THR B 100 15.96 25.72 13.61
N SER B 101 17.04 26.51 13.53
CA SER B 101 18.25 26.30 14.36
C SER B 101 18.87 27.61 14.92
N LYS B 102 18.01 28.54 15.30
CA LYS B 102 18.40 29.79 15.96
C LYS B 102 17.62 29.89 17.25
N ALA B 103 18.27 30.35 18.32
CA ALA B 103 17.64 30.37 19.65
C ALA B 103 16.50 31.39 19.76
N ALA B 104 16.63 32.48 18.99
CA ALA B 104 15.71 33.62 18.99
C ALA B 104 14.42 33.33 18.23
N VAL B 105 14.55 32.65 17.09
CA VAL B 105 13.41 32.21 16.27
C VAL B 105 12.69 31.02 16.94
N ILE B 106 13.46 30.22 17.70
CA ILE B 106 12.93 29.20 18.61
C ILE B 106 11.99 29.84 19.63
N THR B 107 12.49 30.82 20.39
CA THR B 107 11.78 31.40 21.53
C THR B 107 10.64 32.33 21.12
N GLU B 108 10.75 32.97 19.96
CA GLU B 108 9.71 33.84 19.44
C GLU B 108 8.56 33.04 18.82
N SER B 109 8.90 31.97 18.09
CA SER B 109 7.89 30.98 17.66
C SER B 109 7.17 30.43 18.87
N ALA B 110 7.95 29.96 19.84
CA ALA B 110 7.44 29.47 21.11
C ALA B 110 6.46 30.50 21.70
N HIS B 111 6.82 31.78 21.64
CA HIS B 111 5.90 32.85 22.05
C HIS B 111 4.66 32.97 21.13
N ALA B 112 4.88 32.83 19.82
CA ALA B 112 3.82 32.99 18.80
C ALA B 112 2.67 31.99 18.92
N GLY B 113 2.95 30.80 19.47
CA GLY B 113 1.94 29.76 19.64
C GLY B 113 2.39 28.45 19.02
N ALA B 114 3.70 28.33 18.78
CA ALA B 114 4.32 27.13 18.26
C ALA B 114 4.28 25.98 19.28
N HIS B 115 4.09 24.75 18.80
CA HIS B 115 4.00 23.57 19.67
C HIS B 115 5.29 22.74 19.60
N LEU B 116 5.84 22.56 18.41
CA LEU B 116 6.97 21.65 18.29
C LEU B 116 8.13 22.32 17.61
N ILE B 117 9.33 22.08 18.14
CA ILE B 117 10.58 22.53 17.51
C ILE B 117 11.29 21.37 16.81
N ASN B 118 11.40 21.50 15.50
CA ASN B 118 12.07 20.51 14.68
C ASN B 118 13.34 21.14 14.12
N ASP B 119 14.50 20.61 14.49
CA ASP B 119 15.77 21.04 13.90
C ASP B 119 16.48 19.90 13.20
N ILE B 120 17.15 20.24 12.10
CA ILE B 120 17.98 19.28 11.37
C ILE B 120 19.33 19.12 12.08
N GLY B 136 9.63 25.73 26.38
CA GLY B 136 9.82 24.40 26.98
C GLY B 136 9.11 23.32 26.16
N LEU B 137 9.03 23.55 24.86
CA LEU B 137 8.33 22.66 23.93
C LEU B 137 9.10 21.35 23.66
N PRO B 138 8.38 20.31 23.17
CA PRO B 138 8.96 19.12 22.58
C PRO B 138 9.86 19.39 21.38
N VAL B 139 10.87 18.54 21.22
CA VAL B 139 11.84 18.70 20.16
C VAL B 139 12.07 17.39 19.40
N CYS B 140 12.41 17.52 18.12
CA CYS B 140 12.69 16.39 17.24
C CYS B 140 14.17 16.31 16.86
N LEU B 141 14.84 15.23 17.26
CA LEU B 141 16.20 15.00 16.85
C LEU B 141 16.19 14.59 15.40
N MET B 142 17.28 14.85 14.69
CA MET B 142 17.41 14.35 13.33
C MET B 142 18.75 13.67 13.08
N HIS B 143 19.04 13.34 11.82
CA HIS B 143 20.20 12.54 11.42
C HIS B 143 20.03 12.21 9.94
N LEU B 160 24.59 0.36 8.69
CA LEU B 160 24.34 1.73 9.12
C LEU B 160 23.40 1.80 10.31
N MET B 161 22.75 0.68 10.62
CA MET B 161 21.75 0.64 11.70
C MET B 161 22.33 1.02 13.07
N THR B 162 23.39 0.31 13.44
CA THR B 162 24.12 0.55 14.69
C THR B 162 24.55 2.02 14.82
N ASP B 163 24.94 2.63 13.71
CA ASP B 163 25.31 4.04 13.67
C ASP B 163 24.10 4.94 13.94
N ILE B 164 22.96 4.57 13.37
CA ILE B 164 21.70 5.28 13.61
C ILE B 164 21.51 5.40 15.13
N ASN B 165 21.57 4.25 15.80
CA ASN B 165 21.42 4.16 17.24
C ASN B 165 22.35 5.07 18.07
N ARG B 166 23.60 5.19 17.64
CA ARG B 166 24.63 5.90 18.39
C ARG B 166 24.40 7.42 18.36
N PHE B 167 24.16 7.95 17.16
CA PHE B 167 23.82 9.36 16.98
C PHE B 167 22.67 9.69 17.93
N PHE B 168 21.71 8.78 18.00
CA PHE B 168 20.53 8.93 18.84
C PHE B 168 20.80 8.69 20.32
N GLN B 169 21.61 7.67 20.62
CA GLN B 169 22.03 7.46 22.01
C GLN B 169 22.64 8.77 22.54
N HIS B 170 23.65 9.30 21.83
CA HIS B 170 24.32 10.53 22.20
C HIS B 170 23.39 11.71 22.50
N HIS B 171 22.50 12.03 21.56
CA HIS B 171 21.73 13.28 21.63
C HIS B 171 20.55 13.28 22.61
N ILE B 172 20.11 12.09 23.04
CA ILE B 172 19.20 11.98 24.19
C ILE B 172 19.95 12.39 25.47
N GLU B 173 21.23 12.00 25.57
CA GLU B 173 22.11 12.40 26.67
C GLU B 173 22.14 13.92 26.86
N ARG B 174 22.60 14.63 25.83
CA ARG B 174 22.69 16.11 25.81
C ARG B 174 21.41 16.78 26.30
N CYS B 175 20.27 16.28 25.83
CA CYS B 175 18.94 16.83 26.16
C CYS B 175 18.53 16.50 27.59
N VAL B 176 18.74 15.24 27.96
CA VAL B 176 18.45 14.77 29.31
C VAL B 176 19.28 15.60 30.29
N ALA B 177 20.60 15.64 30.08
CA ALA B 177 21.50 16.40 30.95
C ALA B 177 21.23 17.91 30.97
N ALA B 178 20.53 18.43 29.95
CA ALA B 178 20.25 19.87 29.83
C ALA B 178 18.79 20.31 30.07
N GLY B 179 18.01 19.53 30.82
CA GLY B 179 16.69 19.98 31.28
C GLY B 179 15.49 19.71 30.40
N ILE B 180 15.69 19.02 29.27
CA ILE B 180 14.58 18.61 28.40
C ILE B 180 14.27 17.14 28.64
N ALA B 181 13.07 16.89 29.17
CA ALA B 181 12.57 15.56 29.46
C ALA B 181 12.73 14.58 28.28
N LYS B 182 12.95 13.31 28.61
CA LYS B 182 13.07 12.24 27.60
C LYS B 182 11.74 12.00 26.89
N ASN B 183 10.61 12.14 27.58
CA ASN B 183 9.32 11.97 26.91
C ASN B 183 9.00 13.08 25.91
N LYS B 184 9.65 14.24 26.06
CA LYS B 184 9.51 15.40 25.17
C LYS B 184 10.18 15.27 23.78
N LEU B 185 11.00 14.23 23.60
CA LEU B 185 11.80 14.04 22.38
C LEU B 185 11.09 13.23 21.27
N LEU B 186 11.35 13.59 20.01
CA LEU B 186 10.99 12.72 18.87
C LEU B 186 12.22 12.36 18.08
N LEU B 187 12.15 11.21 17.41
CA LEU B 187 13.25 10.72 16.57
C LEU B 187 12.89 10.66 15.08
N ASP B 188 13.61 11.45 14.28
CA ASP B 188 13.57 11.44 12.81
C ASP B 188 14.90 10.85 12.32
N PRO B 189 14.86 9.64 11.72
CA PRO B 189 16.07 8.98 11.23
C PRO B 189 16.78 9.73 10.07
N GLY B 190 16.30 10.90 9.69
CA GLY B 190 16.94 11.67 8.60
C GLY B 190 17.00 10.94 7.28
N PHE B 191 15.85 10.78 6.63
CA PHE B 191 15.85 10.13 5.33
C PHE B 191 16.50 11.08 4.32
N GLY B 192 17.36 10.56 3.45
CA GLY B 192 17.94 11.35 2.34
C GLY B 192 18.90 12.46 2.70
N PHE B 193 19.28 12.51 3.98
CA PHE B 193 20.32 13.40 4.50
C PHE B 193 21.56 12.56 4.69
N GLY B 194 22.55 12.77 3.81
CA GLY B 194 23.80 11.99 3.85
C GLY B 194 23.53 10.49 3.78
N LYS B 195 22.67 10.10 2.84
CA LYS B 195 22.31 8.69 2.55
C LYS B 195 22.02 8.46 1.07
N ASN B 196 22.52 7.34 0.52
CA ASN B 196 22.26 7.00 -0.90
C ASN B 196 21.02 6.13 -1.08
N LEU B 197 20.92 5.51 -2.27
CA LEU B 197 19.80 4.64 -2.58
C LEU B 197 19.68 3.45 -1.64
N ALA B 198 20.77 2.71 -1.45
CA ALA B 198 20.80 1.59 -0.49
C ALA B 198 20.63 2.01 0.99
N HIS B 199 21.18 3.15 1.38
CA HIS B 199 21.08 3.57 2.79
C HIS B 199 19.66 3.99 3.19
N ASN B 200 18.94 4.58 2.24
CA ASN B 200 17.58 4.95 2.45
C ASN B 200 16.64 3.71 2.54
N TYR B 201 16.84 2.75 1.64
CA TYR B 201 16.04 1.53 1.60
C TYR B 201 16.31 0.54 2.69
N GLN B 202 17.53 0.54 3.22
CA GLN B 202 17.83 -0.34 4.35
C GLN B 202 17.31 0.29 5.63
N LEU B 203 17.38 1.60 5.72
CA LEU B 203 16.74 2.28 6.81
C LEU B 203 15.17 2.03 6.84
N LEU B 204 14.53 1.93 5.67
CA LEU B 204 13.08 1.69 5.59
C LEU B 204 12.76 0.25 5.98
N ALA B 205 13.52 -0.69 5.45
CA ALA B 205 13.35 -2.10 5.70
C ALA B 205 13.46 -2.48 7.18
N HIS B 206 14.33 -1.81 7.90
CA HIS B 206 14.64 -2.16 9.26
C HIS B 206 14.13 -1.07 10.16
N LEU B 207 13.22 -0.25 9.68
CA LEU B 207 12.69 0.86 10.50
C LEU B 207 12.13 0.38 11.86
N SER B 208 11.71 -0.88 11.94
CA SER B 208 11.14 -1.42 13.18
C SER B 208 12.08 -1.30 14.37
N GLU B 209 13.38 -1.45 14.12
CA GLU B 209 14.39 -1.47 15.20
C GLU B 209 14.32 -0.30 16.18
N LEU B 210 14.21 0.92 15.65
CA LEU B 210 14.31 2.13 16.43
C LEU B 210 13.19 2.37 17.45
N HIS B 211 12.16 1.52 17.39
CA HIS B 211 11.08 1.51 18.37
C HIS B 211 11.60 1.17 19.80
N HIS B 212 12.60 0.31 19.91
CA HIS B 212 13.17 0.02 21.24
C HIS B 212 13.45 1.26 22.16
N PHE B 213 14.03 2.33 21.64
CA PHE B 213 14.32 3.54 22.45
C PHE B 213 13.07 4.12 23.11
N GLU B 214 11.90 3.63 22.67
CA GLU B 214 10.58 3.99 23.24
C GLU B 214 10.19 5.45 23.00
N LEU B 215 10.61 6.01 21.86
CA LEU B 215 10.26 7.40 21.53
C LEU B 215 9.57 7.47 20.18
N PRO B 216 8.69 8.49 19.99
CA PRO B 216 7.85 8.55 18.78
C PRO B 216 8.69 8.79 17.54
N LEU B 217 8.30 8.19 16.41
CA LEU B 217 9.11 8.37 15.15
C LEU B 217 8.49 9.33 14.15
N LEU B 218 9.36 10.20 13.64
CA LEU B 218 9.02 11.15 12.58
C LEU B 218 9.76 10.70 11.33
N VAL B 219 9.01 10.45 10.28
CA VAL B 219 9.68 10.00 9.06
C VAL B 219 9.32 11.01 7.94
N GLY B 220 10.28 11.26 7.06
CA GLY B 220 10.08 12.25 6.03
C GLY B 220 10.80 11.87 4.76
N MET B 221 10.11 11.14 3.89
CA MET B 221 10.64 10.64 2.60
C MET B 221 9.88 11.25 1.41
N SER B 222 9.01 12.21 1.66
CA SER B 222 8.15 12.74 0.63
C SER B 222 8.95 13.44 -0.49
N ARG B 223 8.73 12.98 -1.72
CA ARG B 223 9.40 13.51 -2.89
C ARG B 223 10.92 13.57 -2.69
N LYS B 224 11.52 12.60 -2.00
CA LYS B 224 13.00 12.59 -1.96
C LYS B 224 13.54 11.90 -3.16
N SER B 225 14.86 11.96 -3.31
CA SER B 225 15.60 11.24 -4.35
C SER B 225 15.40 9.75 -4.36
N MET B 226 15.24 9.17 -3.17
CA MET B 226 15.10 7.73 -3.01
C MET B 226 13.83 7.20 -3.74
N VAL B 227 12.85 8.06 -3.96
CA VAL B 227 11.77 7.77 -4.87
C VAL B 227 12.14 8.15 -6.34
N GLY B 228 12.64 9.37 -6.52
CA GLY B 228 13.12 9.86 -7.85
C GLY B 228 14.04 8.87 -8.56
N GLN B 229 15.08 8.42 -7.88
CA GLN B 229 16.05 7.48 -8.51
C GLN B 229 15.51 6.10 -8.92
N LEU B 230 14.64 5.47 -8.11
CA LEU B 230 14.12 4.13 -8.48
C LEU B 230 13.18 4.19 -9.64
N LEU B 231 12.29 5.19 -9.63
CA LEU B 231 11.24 5.42 -10.62
C LEU B 231 11.66 6.37 -11.80
N ASN B 232 12.71 7.19 -11.61
CA ASN B 232 13.17 8.16 -12.67
C ASN B 232 12.09 9.13 -13.05
N VAL B 233 11.64 9.86 -12.05
CA VAL B 233 10.48 10.65 -12.24
C VAL B 233 10.76 12.03 -11.65
N PRO B 234 10.34 13.08 -12.36
CA PRO B 234 10.37 14.43 -11.82
C PRO B 234 9.62 14.49 -10.46
N PRO B 235 9.91 15.52 -9.66
CA PRO B 235 9.46 15.52 -8.27
C PRO B 235 7.95 15.59 -8.13
N GLN B 236 7.26 16.18 -9.10
CA GLN B 236 5.80 16.27 -9.00
C GLN B 236 5.17 14.92 -9.22
N GLN B 237 5.96 14.00 -9.74
CA GLN B 237 5.43 12.73 -10.15
C GLN B 237 5.82 11.64 -9.11
N ARG B 238 6.32 12.08 -7.95
CA ARG B 238 6.81 11.19 -6.91
C ARG B 238 5.79 10.92 -5.80
N VAL B 239 4.54 11.32 -6.01
CA VAL B 239 3.49 11.21 -5.02
C VAL B 239 3.26 9.70 -4.76
N ILE B 240 3.17 8.90 -5.82
CA ILE B 240 2.91 7.48 -5.64
C ILE B 240 3.96 6.81 -4.84
N GLY B 241 5.20 7.10 -5.13
CA GLY B 241 6.22 6.34 -4.49
C GLY B 241 6.45 6.80 -3.05
N SER B 242 6.30 8.09 -2.76
CA SER B 242 6.44 8.62 -1.42
C SER B 242 5.32 7.97 -0.50
N VAL B 243 4.08 7.93 -1.02
CA VAL B 243 2.95 7.26 -0.36
C VAL B 243 3.27 5.80 -0.10
N ALA B 244 3.88 5.10 -1.06
CA ALA B 244 4.21 3.73 -0.82
C ALA B 244 5.24 3.62 0.30
N CYS B 245 6.21 4.53 0.33
CA CYS B 245 7.21 4.56 1.40
C CYS B 245 6.52 4.91 2.74
N ALA B 246 5.59 5.85 2.74
CA ALA B 246 4.78 6.22 3.94
C ALA B 246 3.97 5.00 4.49
N VAL B 247 3.44 4.18 3.58
CA VAL B 247 2.73 2.95 4.01
C VAL B 247 3.66 1.95 4.65
N ILE B 248 4.83 1.68 4.03
CA ILE B 248 5.80 0.71 4.54
C ILE B 248 6.35 1.17 5.91
N ALA B 249 6.64 2.47 6.07
CA ALA B 249 7.01 3.03 7.38
C ALA B 249 5.87 2.92 8.41
N ALA B 250 4.65 3.32 8.06
CA ALA B 250 3.58 3.30 9.01
C ALA B 250 3.18 1.87 9.41
N MET B 251 3.30 0.89 8.51
CA MET B 251 3.05 -0.49 8.86
C MET B 251 4.06 -0.99 9.88
N GLN B 252 5.21 -0.32 9.97
CA GLN B 252 6.24 -0.74 10.93
C GLN B 252 6.09 0.11 12.15
N GLY B 253 5.04 0.91 12.21
CA GLY B 253 4.75 1.68 13.41
C GLY B 253 5.21 3.12 13.49
N ALA B 254 5.77 3.71 12.41
CA ALA B 254 6.17 5.14 12.46
C ALA B 254 4.96 5.97 12.74
N GLN B 255 5.08 6.94 13.65
CA GLN B 255 3.94 7.65 14.13
C GLN B 255 3.61 8.92 13.39
N ILE B 256 4.65 9.60 12.89
CA ILE B 256 4.39 10.83 12.19
C ILE B 256 5.05 10.85 10.81
N ILE B 257 4.28 11.27 9.83
CA ILE B 257 4.74 11.21 8.44
C ILE B 257 4.76 12.62 7.90
N ARG B 258 5.96 13.09 7.54
CA ARG B 258 6.17 14.50 7.07
C ARG B 258 6.05 14.51 5.53
N VAL B 259 5.05 15.23 5.01
CA VAL B 259 4.76 15.14 3.58
C VAL B 259 4.32 16.43 2.90
N HIS B 260 4.59 16.51 1.59
CA HIS B 260 4.02 17.56 0.78
C HIS B 260 2.60 17.20 0.42
N ASP B 261 2.34 15.89 0.29
CA ASP B 261 1.11 15.42 -0.31
C ASP B 261 0.11 14.94 0.77
N VAL B 262 -0.48 15.88 1.52
CA VAL B 262 -1.27 15.56 2.70
C VAL B 262 -2.49 14.68 2.44
N LYS B 263 -3.31 15.08 1.48
CA LYS B 263 -4.54 14.39 1.16
C LYS B 263 -4.32 12.91 0.81
N GLU B 264 -3.30 12.62 -0.02
CA GLU B 264 -3.01 11.31 -0.49
C GLU B 264 -2.41 10.52 0.65
N THR B 265 -1.54 11.16 1.45
CA THR B 265 -0.92 10.44 2.55
C THR B 265 -1.97 10.09 3.63
N VAL B 266 -2.89 11.03 3.89
CA VAL B 266 -3.93 10.79 4.88
C VAL B 266 -4.78 9.68 4.47
N GLU B 267 -5.22 9.65 3.21
CA GLU B 267 -6.01 8.51 2.75
C GLU B 267 -5.29 7.18 2.98
N ALA B 268 -3.98 7.15 2.69
CA ALA B 268 -3.19 5.91 2.80
C ALA B 268 -3.03 5.52 4.28
N MET B 269 -2.98 6.50 5.16
CA MET B 269 -2.79 6.23 6.62
C MET B 269 -4.09 5.65 7.21
N CYS B 270 -5.23 5.98 6.62
CA CYS B 270 -6.49 5.33 7.04
C CYS B 270 -6.48 3.80 6.72
N ILE B 271 -5.87 3.41 5.58
CA ILE B 271 -5.87 1.98 5.18
C ILE B 271 -4.96 1.30 6.15
N VAL B 272 -3.84 1.92 6.45
CA VAL B 272 -2.86 1.36 7.38
C VAL B 272 -3.45 1.18 8.81
N GLU B 273 -4.06 2.22 9.34
CA GLU B 273 -4.66 2.15 10.71
C GLU B 273 -5.69 1.04 10.75
N ALA B 274 -6.51 0.92 9.72
CA ALA B 274 -7.52 -0.14 9.73
C ALA B 274 -6.88 -1.53 9.68
N THR B 275 -5.78 -1.68 8.94
CA THR B 275 -5.07 -2.96 8.88
C THR B 275 -4.43 -3.23 10.25
N ARG B 276 -3.79 -2.21 10.81
CA ARG B 276 -3.12 -2.42 12.06
C ARG B 276 -4.11 -2.67 13.20
N SER B 277 -5.27 -2.03 13.13
CA SER B 277 -6.34 -2.19 14.13
C SER B 277 -6.88 -3.59 14.14
N ALA B 278 -6.94 -4.24 12.97
CA ALA B 278 -7.46 -5.60 12.80
C ALA B 278 -6.34 -6.56 13.19
#